data_1FVP
#
_entry.id   1FVP
#
_cell.length_a   76.800
_cell.length_b   76.800
_cell.length_c   242.000
_cell.angle_alpha   90.00
_cell.angle_beta   90.00
_cell.angle_gamma   90.00
#
_symmetry.space_group_name_H-M   'P 43 2 2'
#
loop_
_entity.id
_entity.type
_entity.pdbx_description
1 polymer 'FLAVOPROTEIN 390'
2 non-polymer '6-(3-TETRADECANOIC ACID) FLAVINE MONONUCLEOTIDE'
3 water water
#
_entity_poly.entity_id   1
_entity_poly.type   'polypeptide(L)'
_entity_poly.pdbx_seq_one_letter_code
;MNKWNYGVFFVNFYNKGQQEPSKTMNNALETLRIIDEDTSIYDVINIDDHYLVKKDSEDKKLAPFITLGEKLYVLATSEN
TVDIAAKYALPLVFKWDDINEERLKLLSFYNASASKYNKNIDLVRHQLMLHVNVNEAETVAKEELKLYIENYVACTQPSN
FNGSIDSIIQSNVTGSYKDCLSYVANLAGKFDNTVDFLLCFESMQDQNKKKSVMIDLNNQVIKFRQDNNLI
;
_entity_poly.pdbx_strand_id   A,B
#
# COMPACT_ATOMS: atom_id res chain seq x y z
N MET A 1 13.48 -5.48 16.43
CA MET A 1 14.84 -5.70 15.88
C MET A 1 15.31 -7.11 16.21
N ASN A 2 14.46 -7.77 16.94
CA ASN A 2 14.48 -9.14 17.46
C ASN A 2 12.97 -9.37 17.76
N LYS A 3 12.38 -8.18 17.84
CA LYS A 3 10.96 -7.96 18.07
C LYS A 3 10.38 -8.06 16.64
N TRP A 4 9.42 -8.93 16.52
CA TRP A 4 8.72 -9.22 15.28
C TRP A 4 7.37 -8.50 15.20
N ASN A 5 7.30 -7.61 14.21
CA ASN A 5 6.04 -6.86 14.00
C ASN A 5 5.23 -7.83 13.12
N TYR A 6 3.92 -7.72 13.15
CA TYR A 6 3.01 -8.57 12.38
C TYR A 6 1.98 -7.72 11.64
N GLY A 7 1.75 -8.09 10.40
CA GLY A 7 0.80 -7.40 9.51
C GLY A 7 -0.11 -8.45 8.89
N VAL A 8 -1.08 -8.03 8.11
CA VAL A 8 -2.03 -8.95 7.45
C VAL A 8 -2.08 -8.55 5.97
N PHE A 9 -2.43 -9.49 5.11
CA PHE A 9 -2.54 -9.20 3.67
C PHE A 9 -3.72 -10.02 3.11
N PHE A 10 -4.15 -9.59 1.96
CA PHE A 10 -5.25 -10.17 1.21
C PHE A 10 -4.90 -10.24 -0.29
N VAL A 11 -5.31 -11.28 -0.99
CA VAL A 11 -4.99 -11.24 -2.44
C VAL A 11 -6.11 -10.35 -2.97
N ASN A 12 -6.17 -10.10 -4.23
CA ASN A 12 -7.22 -9.24 -4.82
C ASN A 12 -7.61 -10.03 -6.08
N PHE A 13 -8.68 -10.77 -5.86
CA PHE A 13 -9.17 -11.62 -6.97
C PHE A 13 -10.65 -11.91 -6.89
N TYR A 14 -11.19 -12.30 -8.03
CA TYR A 14 -12.63 -12.62 -8.13
C TYR A 14 -12.84 -14.11 -7.90
N ASN A 15 -13.76 -14.29 -6.96
CA ASN A 15 -14.28 -15.52 -6.40
C ASN A 15 -13.13 -16.50 -6.13
N LYS A 16 -12.51 -16.22 -4.99
CA LYS A 16 -11.39 -17.07 -4.52
C LYS A 16 -12.09 -18.37 -4.06
N GLY A 17 -11.29 -19.43 -3.99
CA GLY A 17 -11.83 -20.73 -3.53
C GLY A 17 -13.23 -20.90 -4.15
N GLN A 18 -14.21 -21.11 -3.28
CA GLN A 18 -15.59 -21.29 -3.81
C GLN A 18 -16.44 -20.06 -3.59
N GLN A 19 -16.29 -19.46 -2.44
CA GLN A 19 -16.98 -18.26 -1.97
C GLN A 19 -17.53 -17.41 -3.12
N GLU A 20 -18.82 -17.11 -3.03
CA GLU A 20 -19.54 -16.30 -4.01
C GLU A 20 -19.03 -14.86 -3.90
N PRO A 21 -18.73 -14.25 -5.03
CA PRO A 21 -18.20 -12.90 -5.18
C PRO A 21 -18.47 -11.87 -4.12
N SER A 22 -19.62 -11.91 -3.50
CA SER A 22 -20.01 -10.99 -2.42
C SER A 22 -19.41 -11.47 -1.10
N LYS A 23 -19.45 -12.77 -0.88
CA LYS A 23 -18.99 -13.47 0.29
C LYS A 23 -17.50 -13.33 0.56
N THR A 24 -16.72 -13.54 -0.49
CA THR A 24 -15.25 -13.43 -0.36
C THR A 24 -14.92 -12.13 0.35
N MET A 25 -15.68 -11.10 0.00
CA MET A 25 -15.44 -9.79 0.56
C MET A 25 -15.97 -9.55 1.95
N ASN A 26 -17.12 -10.13 2.27
CA ASN A 26 -17.66 -9.91 3.64
C ASN A 26 -16.70 -10.53 4.64
N ASN A 27 -16.12 -11.64 4.24
CA ASN A 27 -15.13 -12.38 5.01
C ASN A 27 -13.89 -11.50 5.24
N ALA A 28 -13.47 -10.88 4.14
CA ALA A 28 -12.31 -9.99 4.14
C ALA A 28 -12.61 -8.72 4.94
N LEU A 29 -13.87 -8.35 5.06
CA LEU A 29 -14.23 -7.14 5.84
C LEU A 29 -14.21 -7.47 7.34
N GLU A 30 -14.37 -8.74 7.62
CA GLU A 30 -14.37 -9.32 8.97
C GLU A 30 -12.93 -9.48 9.46
N THR A 31 -12.10 -9.85 8.50
CA THR A 31 -10.67 -10.05 8.69
C THR A 31 -10.09 -8.70 9.13
N LEU A 32 -10.70 -7.64 8.64
CA LEU A 32 -10.31 -6.25 8.91
C LEU A 32 -10.91 -5.77 10.24
N ARG A 33 -12.10 -6.31 10.49
CA ARG A 33 -12.80 -5.92 11.74
C ARG A 33 -11.94 -6.27 12.94
N ILE A 34 -11.49 -7.51 12.96
CA ILE A 34 -10.65 -8.03 14.06
C ILE A 34 -9.48 -7.08 14.24
N ILE A 35 -8.83 -6.88 13.10
CA ILE A 35 -7.67 -5.97 13.02
C ILE A 35 -8.00 -4.76 13.87
N ASP A 36 -9.02 -4.00 13.46
CA ASP A 36 -9.40 -2.80 14.19
C ASP A 36 -9.78 -3.05 15.65
N GLU A 37 -10.88 -3.73 15.91
CA GLU A 37 -11.35 -3.95 17.28
C GLU A 37 -11.03 -5.20 18.05
N ASP A 38 -10.69 -6.31 17.44
CA ASP A 38 -10.42 -7.57 18.15
C ASP A 38 -8.96 -7.98 18.21
N THR A 39 -8.04 -7.06 18.01
CA THR A 39 -6.60 -7.36 18.03
C THR A 39 -5.80 -6.11 18.28
N SER A 40 -4.51 -6.18 18.09
CA SER A 40 -3.54 -5.10 18.27
C SER A 40 -2.46 -5.27 17.18
N ILE A 41 -1.56 -6.16 17.51
CA ILE A 41 -0.42 -6.57 16.74
C ILE A 41 -0.61 -6.57 15.24
N TYR A 42 -1.79 -6.68 14.68
CA TYR A 42 -1.85 -6.61 13.18
C TYR A 42 -1.80 -5.10 12.88
N ASP A 43 -0.61 -4.60 12.56
CA ASP A 43 -0.50 -3.15 12.32
C ASP A 43 -0.40 -2.68 10.88
N VAL A 44 -0.55 -3.48 9.86
CA VAL A 44 -0.52 -3.07 8.45
C VAL A 44 -1.26 -4.13 7.61
N ILE A 45 -1.95 -3.70 6.57
CA ILE A 45 -2.70 -4.63 5.71
C ILE A 45 -2.13 -4.41 4.31
N ASN A 46 -1.97 -5.45 3.56
CA ASN A 46 -1.42 -5.43 2.19
C ASN A 46 -2.44 -5.99 1.22
N ILE A 47 -2.16 -5.95 -0.07
CA ILE A 47 -3.04 -6.46 -1.12
C ILE A 47 -2.29 -7.05 -2.30
N ASP A 48 -1.88 -8.29 -2.18
CA ASP A 48 -1.15 -9.07 -3.20
C ASP A 48 -2.04 -8.99 -4.46
N ASP A 49 -1.42 -8.64 -5.56
CA ASP A 49 -2.16 -8.54 -6.85
C ASP A 49 -1.12 -8.57 -7.97
N HIS A 50 0.04 -8.99 -7.55
CA HIS A 50 1.28 -9.12 -8.31
C HIS A 50 1.23 -9.93 -9.57
N TYR A 51 0.25 -10.78 -9.73
CA TYR A 51 0.09 -11.64 -10.91
C TYR A 51 -0.10 -10.85 -12.20
N LEU A 52 -0.15 -9.55 -12.06
CA LEU A 52 -0.35 -8.58 -13.14
C LEU A 52 0.91 -8.08 -13.83
N VAL A 53 0.74 -7.83 -15.12
CA VAL A 53 1.81 -7.33 -15.97
C VAL A 53 1.81 -5.78 -15.92
N LYS A 54 2.77 -5.32 -15.15
CA LYS A 54 3.00 -3.89 -14.90
C LYS A 54 4.12 -3.31 -15.76
N LYS A 55 3.76 -2.91 -16.97
CA LYS A 55 4.69 -2.34 -17.93
C LYS A 55 4.07 -1.14 -18.65
N ASP A 56 4.82 -0.07 -18.67
CA ASP A 56 4.48 1.21 -19.28
C ASP A 56 4.24 1.10 -20.79
N SER A 57 4.22 2.26 -21.44
CA SER A 57 4.00 2.34 -22.89
C SER A 57 5.15 1.78 -23.71
N GLU A 58 6.23 1.43 -23.05
CA GLU A 58 7.43 0.89 -23.72
C GLU A 58 7.73 -0.54 -23.32
N ASP A 59 6.72 -1.29 -22.91
CA ASP A 59 7.00 -2.68 -22.47
C ASP A 59 8.22 -2.66 -21.55
N LYS A 60 8.06 -1.96 -20.44
CA LYS A 60 9.09 -1.81 -19.41
C LYS A 60 8.44 -2.12 -18.05
N LYS A 61 8.90 -3.19 -17.43
CA LYS A 61 8.37 -3.62 -16.14
C LYS A 61 8.68 -2.56 -15.08
N LEU A 62 7.64 -2.19 -14.36
CA LEU A 62 7.72 -1.20 -13.27
C LEU A 62 8.41 -1.87 -12.08
N ALA A 63 8.90 -1.07 -11.16
CA ALA A 63 9.60 -1.49 -9.94
C ALA A 63 8.62 -1.81 -8.82
N PRO A 64 8.38 -3.09 -8.60
CA PRO A 64 7.46 -3.57 -7.57
C PRO A 64 7.83 -2.98 -6.23
N PHE A 65 7.14 -1.91 -5.89
CA PHE A 65 7.40 -1.27 -4.59
C PHE A 65 6.16 -1.61 -3.75
N ILE A 66 6.45 -2.02 -2.57
CA ILE A 66 5.37 -2.39 -1.62
C ILE A 66 5.50 -1.33 -0.55
N THR A 67 4.41 -0.76 -0.13
CA THR A 67 4.44 0.30 0.90
C THR A 67 3.77 -0.22 2.16
N LEU A 68 4.42 -0.12 3.32
CA LEU A 68 3.77 -0.57 4.55
C LEU A 68 3.96 0.54 5.60
N GLY A 69 2.89 1.31 5.73
CA GLY A 69 2.95 2.45 6.71
C GLY A 69 3.97 3.41 6.09
N GLU A 70 4.69 4.17 6.87
CA GLU A 70 5.68 5.10 6.30
C GLU A 70 6.72 4.40 5.43
N LYS A 71 7.16 3.21 5.81
CA LYS A 71 8.17 2.38 5.17
C LYS A 71 7.88 1.96 3.75
N LEU A 72 8.91 1.74 2.97
CA LEU A 72 8.80 1.32 1.54
C LEU A 72 9.65 0.08 1.33
N TYR A 73 9.11 -0.88 0.59
CA TYR A 73 9.73 -2.16 0.30
C TYR A 73 9.66 -2.50 -1.19
N VAL A 74 10.35 -3.55 -1.59
CA VAL A 74 10.34 -4.01 -2.97
C VAL A 74 10.33 -5.56 -2.96
N LEU A 75 9.40 -6.08 -3.72
CA LEU A 75 9.09 -7.49 -3.94
C LEU A 75 10.33 -8.14 -4.54
N ALA A 76 10.71 -9.26 -3.95
CA ALA A 76 11.90 -9.99 -4.43
C ALA A 76 11.38 -11.04 -5.43
N THR A 77 11.01 -10.46 -6.55
CA THR A 77 10.45 -11.01 -7.75
C THR A 77 11.40 -11.74 -8.66
N SER A 78 12.66 -11.37 -8.56
CA SER A 78 13.71 -12.00 -9.39
C SER A 78 15.09 -11.77 -8.78
N GLU A 79 16.07 -12.07 -9.62
CA GLU A 79 17.48 -11.93 -9.22
C GLU A 79 17.97 -10.53 -9.58
N ASN A 80 17.30 -9.94 -10.55
CA ASN A 80 17.65 -8.58 -11.01
C ASN A 80 16.87 -7.55 -10.20
N THR A 81 15.60 -7.79 -10.00
CA THR A 81 14.68 -6.95 -9.22
C THR A 81 15.01 -7.03 -7.74
N VAL A 82 16.01 -7.84 -7.42
CA VAL A 82 16.42 -8.07 -6.03
C VAL A 82 17.82 -7.49 -5.82
N ASP A 83 18.61 -7.66 -6.86
CA ASP A 83 20.01 -7.15 -6.89
C ASP A 83 19.89 -5.62 -6.68
N ILE A 84 19.18 -5.03 -7.62
CA ILE A 84 18.90 -3.60 -7.64
C ILE A 84 18.47 -3.07 -6.27
N ALA A 85 17.66 -3.83 -5.58
CA ALA A 85 17.15 -3.42 -4.25
C ALA A 85 18.28 -3.29 -3.23
N ALA A 86 19.34 -4.06 -3.44
CA ALA A 86 20.50 -4.06 -2.53
C ALA A 86 21.17 -2.69 -2.62
N LYS A 87 21.29 -2.30 -3.87
CA LYS A 87 21.87 -1.02 -4.26
C LYS A 87 21.37 0.08 -3.33
N TYR A 88 20.05 0.30 -3.27
CA TYR A 88 19.55 1.35 -2.35
C TYR A 88 19.22 0.86 -0.95
N ALA A 89 19.59 -0.36 -0.60
CA ALA A 89 19.34 -0.92 0.73
C ALA A 89 17.91 -1.24 1.12
N LEU A 90 16.95 -1.18 0.21
CA LEU A 90 15.53 -1.48 0.47
C LEU A 90 15.28 -2.93 0.91
N PRO A 91 14.36 -3.10 1.83
CA PRO A 91 13.98 -4.43 2.31
C PRO A 91 13.08 -5.03 1.22
N LEU A 92 13.06 -6.34 1.23
CA LEU A 92 12.29 -7.15 0.30
C LEU A 92 11.00 -7.70 0.95
N VAL A 93 10.08 -8.01 0.07
CA VAL A 93 8.78 -8.61 0.52
C VAL A 93 8.72 -9.92 -0.28
N PHE A 94 8.98 -11.00 0.45
CA PHE A 94 9.05 -12.36 -0.09
C PHE A 94 7.72 -12.84 -0.61
N LYS A 95 7.75 -13.43 -1.82
CA LYS A 95 6.49 -13.91 -2.39
C LYS A 95 5.95 -15.12 -1.61
N TRP A 96 4.67 -15.26 -1.78
CA TRP A 96 3.78 -16.28 -1.18
C TRP A 96 3.90 -17.56 -1.99
N ASP A 97 3.84 -17.49 -3.31
CA ASP A 97 3.94 -18.64 -4.20
C ASP A 97 5.39 -18.99 -4.59
N ASP A 98 6.28 -18.84 -3.65
CA ASP A 98 7.69 -19.16 -3.89
C ASP A 98 8.05 -20.37 -3.04
N ILE A 99 8.35 -21.48 -3.72
CA ILE A 99 8.75 -22.67 -2.93
C ILE A 99 9.82 -22.13 -1.99
N ASN A 100 9.63 -22.27 -0.70
CA ASN A 100 10.58 -21.78 0.31
C ASN A 100 12.04 -21.89 -0.12
N GLU A 101 12.33 -22.91 -0.90
CA GLU A 101 13.66 -23.18 -1.41
C GLU A 101 14.12 -21.99 -2.24
N GLU A 102 13.55 -21.89 -3.42
CA GLU A 102 13.81 -20.83 -4.38
C GLU A 102 13.68 -19.44 -3.77
N ARG A 103 12.71 -19.22 -2.91
CA ARG A 103 12.58 -17.87 -2.32
C ARG A 103 13.76 -17.65 -1.38
N LEU A 104 14.49 -18.70 -1.05
CA LEU A 104 15.64 -18.58 -0.14
C LEU A 104 16.88 -18.19 -0.94
N LYS A 105 16.88 -18.65 -2.18
CA LYS A 105 17.93 -18.34 -3.13
C LYS A 105 17.95 -16.83 -3.40
N LEU A 106 16.84 -16.13 -3.17
CA LEU A 106 16.75 -14.69 -3.41
C LEU A 106 17.21 -13.85 -2.25
N LEU A 107 17.09 -14.24 -0.99
CA LEU A 107 17.61 -13.35 0.07
C LEU A 107 19.14 -13.56 0.01
N SER A 108 19.50 -14.52 -0.84
CA SER A 108 20.93 -14.84 -0.98
C SER A 108 21.58 -13.82 -1.88
N PHE A 109 20.97 -13.59 -3.03
CA PHE A 109 21.62 -12.56 -3.90
C PHE A 109 21.63 -11.30 -3.01
N TYR A 110 20.52 -11.08 -2.32
CA TYR A 110 20.41 -9.88 -1.47
C TYR A 110 21.46 -9.82 -0.36
N ASN A 111 22.33 -10.80 -0.28
CA ASN A 111 23.36 -10.65 0.81
C ASN A 111 24.65 -10.41 0.07
N ALA A 112 24.61 -11.00 -1.12
CA ALA A 112 25.69 -10.99 -2.08
C ALA A 112 25.76 -9.63 -2.79
N SER A 113 24.60 -9.09 -3.10
CA SER A 113 24.55 -7.79 -3.77
C SER A 113 24.93 -6.76 -2.71
N ALA A 114 24.23 -6.79 -1.60
CA ALA A 114 24.52 -5.85 -0.49
C ALA A 114 26.04 -5.73 -0.38
N SER A 115 26.68 -6.90 -0.40
CA SER A 115 28.15 -6.96 -0.31
C SER A 115 28.76 -6.03 -1.38
N LYS A 116 28.52 -6.41 -2.60
CA LYS A 116 28.95 -5.76 -3.83
C LYS A 116 28.97 -4.25 -3.70
N TYR A 117 27.82 -3.62 -3.62
CA TYR A 117 27.68 -2.16 -3.50
C TYR A 117 28.21 -1.70 -2.14
N ASN A 118 28.95 -2.55 -1.48
CA ASN A 118 29.55 -2.34 -0.16
C ASN A 118 28.54 -1.62 0.75
N LYS A 119 27.30 -2.03 0.68
CA LYS A 119 26.17 -1.51 1.45
C LYS A 119 26.10 -2.16 2.82
N ASN A 120 25.55 -1.48 3.82
CA ASN A 120 25.50 -2.12 5.15
C ASN A 120 24.07 -2.33 5.63
N ILE A 121 23.53 -3.45 5.20
CA ILE A 121 22.18 -3.90 5.49
C ILE A 121 22.14 -4.98 6.55
N ASP A 122 22.30 -4.56 7.80
CA ASP A 122 22.26 -5.53 8.92
C ASP A 122 20.95 -5.30 9.67
N LEU A 123 20.43 -4.11 9.47
CA LEU A 123 19.19 -3.64 10.09
C LEU A 123 18.02 -3.70 9.10
N VAL A 124 18.25 -4.22 7.92
CA VAL A 124 17.13 -4.28 6.94
C VAL A 124 16.47 -5.66 7.13
N ARG A 125 15.20 -5.61 7.49
CA ARG A 125 14.31 -6.72 7.75
C ARG A 125 13.31 -6.96 6.63
N HIS A 126 13.39 -8.14 6.06
CA HIS A 126 12.51 -8.54 4.95
C HIS A 126 11.09 -8.75 5.44
N GLN A 127 10.14 -8.97 4.55
CA GLN A 127 8.74 -9.20 4.95
C GLN A 127 8.32 -10.51 4.24
N LEU A 128 7.84 -11.40 5.08
CA LEU A 128 7.42 -12.75 4.62
C LEU A 128 5.91 -12.84 4.49
N MET A 129 5.47 -13.24 3.30
CA MET A 129 4.06 -13.37 2.96
C MET A 129 3.61 -14.85 2.87
N LEU A 130 2.87 -15.25 3.88
CA LEU A 130 2.27 -16.55 4.07
C LEU A 130 0.73 -16.52 4.15
N HIS A 131 0.18 -17.60 3.63
CA HIS A 131 -1.21 -17.98 3.51
C HIS A 131 -1.63 -18.92 4.63
N VAL A 132 -1.77 -18.48 5.86
CA VAL A 132 -2.19 -19.36 6.96
C VAL A 132 -3.57 -19.98 6.77
N ASN A 133 -3.73 -21.12 7.41
CA ASN A 133 -4.99 -21.90 7.43
C ASN A 133 -4.83 -22.91 8.57
N VAL A 134 -5.42 -22.62 9.70
CA VAL A 134 -5.30 -23.48 10.88
C VAL A 134 -6.52 -24.33 11.18
N ASN A 135 -6.35 -25.64 11.21
CA ASN A 135 -7.49 -26.55 11.52
C ASN A 135 -6.89 -27.74 12.24
N GLU A 136 -7.34 -27.99 13.46
CA GLU A 136 -6.86 -29.08 14.32
C GLU A 136 -6.71 -30.38 13.54
N ALA A 137 -7.51 -30.47 12.51
CA ALA A 137 -7.54 -31.61 11.58
C ALA A 137 -6.52 -31.28 10.48
N GLU A 138 -5.38 -31.93 10.60
CA GLU A 138 -4.28 -31.75 9.67
C GLU A 138 -4.76 -31.39 8.28
N THR A 139 -5.28 -32.39 7.62
CA THR A 139 -5.77 -32.52 6.28
C THR A 139 -6.92 -31.73 5.71
N VAL A 140 -7.81 -31.22 6.55
CA VAL A 140 -8.97 -30.45 6.05
C VAL A 140 -8.42 -29.09 5.59
N ALA A 141 -7.53 -28.57 6.41
CA ALA A 141 -6.80 -27.32 6.28
C ALA A 141 -6.04 -27.17 4.97
N LYS A 142 -5.39 -28.23 4.57
CA LYS A 142 -4.62 -28.35 3.35
C LYS A 142 -5.50 -28.51 2.12
N GLU A 143 -6.62 -29.21 2.31
CA GLU A 143 -7.53 -29.39 1.17
C GLU A 143 -8.38 -28.13 1.07
N GLU A 144 -8.25 -27.24 2.03
CA GLU A 144 -9.02 -25.98 2.03
C GLU A 144 -8.18 -24.89 1.38
N LEU A 145 -6.89 -24.91 1.62
CA LEU A 145 -5.96 -23.91 1.06
C LEU A 145 -5.69 -24.24 -0.40
N LYS A 146 -5.91 -25.49 -0.77
CA LYS A 146 -5.71 -25.97 -2.15
C LYS A 146 -6.89 -25.58 -3.03
N LEU A 147 -7.72 -24.73 -2.46
CA LEU A 147 -8.89 -24.21 -3.16
C LEU A 147 -8.74 -22.71 -3.35
N TYR A 148 -8.03 -22.09 -2.41
CA TYR A 148 -7.79 -20.63 -2.50
C TYR A 148 -6.81 -20.35 -3.64
N ILE A 149 -5.88 -21.28 -3.83
CA ILE A 149 -4.84 -21.30 -4.83
C ILE A 149 -5.32 -21.85 -6.19
N GLU A 150 -5.79 -23.08 -6.20
CA GLU A 150 -6.27 -23.71 -7.42
C GLU A 150 -7.12 -22.75 -8.26
N ASN A 151 -7.74 -21.79 -7.61
CA ASN A 151 -8.54 -20.79 -8.32
C ASN A 151 -7.57 -19.71 -8.84
N TYR A 152 -6.73 -19.29 -7.91
CA TYR A 152 -5.70 -18.27 -8.12
C TYR A 152 -4.85 -18.59 -9.35
N VAL A 153 -4.54 -19.84 -9.61
CA VAL A 153 -3.72 -20.21 -10.76
C VAL A 153 -4.54 -20.40 -12.04
N ALA A 154 -5.83 -20.11 -12.02
CA ALA A 154 -6.65 -20.21 -13.25
C ALA A 154 -6.16 -19.06 -14.16
N CYS A 155 -5.90 -17.95 -13.47
CA CYS A 155 -5.41 -16.70 -14.04
C CYS A 155 -3.96 -16.81 -14.50
N THR A 156 -3.04 -16.88 -13.57
CA THR A 156 -1.61 -16.98 -13.82
C THR A 156 -1.41 -18.25 -14.66
N GLN A 157 -0.48 -18.19 -15.58
CA GLN A 157 -0.16 -19.35 -16.47
C GLN A 157 0.81 -20.24 -15.68
N PRO A 158 0.27 -21.31 -15.11
CA PRO A 158 1.02 -22.23 -14.27
C PRO A 158 1.48 -23.58 -14.81
N SER A 159 2.80 -23.66 -14.90
CA SER A 159 3.48 -24.89 -15.37
C SER A 159 3.54 -25.82 -14.15
N ASN A 160 3.61 -25.18 -13.00
CA ASN A 160 3.66 -25.89 -11.71
C ASN A 160 2.63 -27.03 -11.75
N PHE A 161 1.43 -26.63 -12.12
CA PHE A 161 0.25 -27.49 -12.26
C PHE A 161 0.52 -28.48 -13.42
N ASN A 162 1.41 -29.36 -13.08
CA ASN A 162 1.98 -30.48 -13.82
C ASN A 162 2.66 -31.33 -12.71
N GLY A 163 3.09 -30.60 -11.69
CA GLY A 163 3.75 -31.15 -10.51
C GLY A 163 3.97 -30.27 -9.32
N SER A 164 3.18 -29.21 -9.09
CA SER A 164 3.40 -28.36 -7.91
C SER A 164 2.37 -27.30 -7.55
N ILE A 165 1.60 -27.65 -6.56
CA ILE A 165 0.54 -26.91 -5.88
C ILE A 165 0.62 -27.40 -4.41
N ASP A 166 1.29 -28.53 -4.28
CA ASP A 166 1.47 -29.13 -2.95
C ASP A 166 2.59 -28.42 -2.21
N SER A 167 3.68 -28.17 -2.90
CA SER A 167 4.87 -27.48 -2.34
C SER A 167 4.54 -26.06 -1.87
N ILE A 168 3.81 -25.33 -2.71
CA ILE A 168 3.44 -23.95 -2.32
C ILE A 168 2.81 -24.11 -0.93
N ILE A 169 1.80 -24.96 -0.89
CA ILE A 169 1.09 -25.23 0.37
C ILE A 169 2.08 -25.68 1.45
N GLN A 170 2.93 -26.62 1.05
CA GLN A 170 3.95 -27.16 1.94
C GLN A 170 4.84 -26.02 2.44
N SER A 171 4.99 -24.99 1.63
CA SER A 171 5.80 -23.81 1.95
C SER A 171 4.98 -22.90 2.88
N ASN A 172 3.70 -22.83 2.55
CA ASN A 172 2.74 -22.01 3.31
C ASN A 172 2.49 -22.63 4.69
N VAL A 173 1.74 -21.91 5.52
CA VAL A 173 1.39 -22.24 6.91
C VAL A 173 0.03 -22.85 7.17
N THR A 174 -0.02 -24.11 7.59
CA THR A 174 -1.24 -24.86 7.87
C THR A 174 -1.10 -25.99 8.90
N GLY A 175 -2.24 -26.44 9.38
CA GLY A 175 -2.37 -27.51 10.37
C GLY A 175 -2.92 -26.94 11.68
N SER A 176 -2.76 -27.68 12.76
CA SER A 176 -3.21 -27.27 14.10
C SER A 176 -2.52 -25.97 14.50
N TYR A 177 -2.81 -25.49 15.69
CA TYR A 177 -2.15 -24.25 16.15
C TYR A 177 -0.66 -24.46 16.38
N LYS A 178 -0.28 -25.11 17.45
CA LYS A 178 1.10 -25.39 17.82
C LYS A 178 2.06 -25.74 16.70
N ASP A 179 1.62 -26.47 15.70
CA ASP A 179 2.49 -26.90 14.57
C ASP A 179 2.58 -25.77 13.56
N CYS A 180 1.69 -24.80 13.68
CA CYS A 180 1.66 -23.61 12.82
C CYS A 180 2.68 -22.61 13.38
N LEU A 181 2.61 -22.45 14.69
CA LEU A 181 3.50 -21.57 15.45
C LEU A 181 4.93 -22.11 15.33
N SER A 182 5.07 -23.38 15.63
CA SER A 182 6.37 -24.06 15.57
C SER A 182 6.91 -24.27 14.17
N TYR A 183 6.16 -23.91 13.15
CA TYR A 183 6.60 -24.08 11.77
C TYR A 183 7.19 -22.78 11.22
N VAL A 184 6.45 -21.72 11.51
CA VAL A 184 6.90 -20.39 11.02
C VAL A 184 8.13 -20.03 11.84
N ALA A 185 7.97 -20.06 13.15
CA ALA A 185 9.07 -19.71 14.08
C ALA A 185 10.07 -20.86 14.07
N ASN A 186 10.37 -21.29 12.88
CA ASN A 186 11.30 -22.37 12.52
C ASN A 186 11.87 -21.89 11.17
N LEU A 187 10.91 -21.41 10.38
CA LEU A 187 11.15 -20.87 9.06
C LEU A 187 11.85 -19.51 9.17
N ALA A 188 11.42 -18.78 10.21
CA ALA A 188 12.02 -17.45 10.43
C ALA A 188 13.53 -17.71 10.25
N GLY A 189 13.95 -18.74 10.95
CA GLY A 189 15.28 -19.29 11.03
C GLY A 189 15.99 -19.44 9.69
N LYS A 190 15.36 -20.13 8.75
CA LYS A 190 15.94 -20.37 7.43
C LYS A 190 16.19 -19.04 6.70
N PHE A 191 15.70 -17.97 7.24
CA PHE A 191 15.78 -16.58 6.78
C PHE A 191 16.63 -15.80 7.79
N ASP A 192 17.64 -16.48 8.29
CA ASP A 192 18.56 -15.91 9.28
C ASP A 192 17.74 -15.13 10.32
N ASN A 193 16.49 -15.47 10.47
CA ASN A 193 15.65 -14.76 11.46
C ASN A 193 15.56 -13.27 11.14
N THR A 194 15.50 -12.92 9.87
CA THR A 194 15.41 -11.53 9.43
C THR A 194 14.09 -11.13 8.78
N VAL A 195 12.98 -11.77 9.15
CA VAL A 195 11.73 -11.37 8.47
C VAL A 195 10.62 -11.12 9.48
N ASP A 196 9.67 -10.37 9.01
CA ASP A 196 8.42 -9.90 9.56
C ASP A 196 7.35 -10.52 8.65
N PHE A 197 6.15 -10.79 9.18
CA PHE A 197 5.14 -11.47 8.37
C PHE A 197 3.81 -10.78 8.10
N LEU A 198 3.44 -10.99 6.85
CA LEU A 198 2.21 -10.52 6.24
C LEU A 198 1.55 -11.89 5.96
N LEU A 199 0.62 -12.27 6.80
CA LEU A 199 -0.01 -13.58 6.69
C LEU A 199 -1.49 -13.53 6.39
N CYS A 200 -1.89 -14.04 5.24
CA CYS A 200 -3.27 -14.11 4.77
C CYS A 200 -4.07 -15.19 5.47
N PHE A 201 -5.09 -14.87 6.23
CA PHE A 201 -5.88 -15.94 6.90
C PHE A 201 -7.19 -16.10 6.12
N GLU A 202 -7.18 -15.88 4.82
CA GLU A 202 -8.40 -15.94 4.02
C GLU A 202 -8.69 -17.26 3.37
N SER A 203 -7.96 -18.30 3.67
CA SER A 203 -8.32 -19.58 2.98
C SER A 203 -9.42 -20.16 3.86
N MET A 204 -9.38 -19.75 5.10
CA MET A 204 -10.21 -20.10 6.24
C MET A 204 -11.64 -19.58 6.16
N GLN A 205 -12.48 -20.51 5.76
CA GLN A 205 -13.91 -20.27 5.59
C GLN A 205 -14.65 -20.10 6.92
N ASP A 206 -14.41 -20.95 7.87
CA ASP A 206 -15.15 -20.86 9.15
C ASP A 206 -14.80 -19.59 9.91
N GLN A 207 -15.38 -18.48 9.53
CA GLN A 207 -15.09 -17.20 10.18
C GLN A 207 -14.73 -17.38 11.63
N ASN A 208 -15.59 -17.92 12.46
CA ASN A 208 -15.31 -18.11 13.89
C ASN A 208 -13.95 -18.75 14.15
N LYS A 209 -13.53 -19.64 13.27
CA LYS A 209 -12.21 -20.25 13.47
C LYS A 209 -11.25 -19.06 13.44
N LYS A 210 -11.19 -18.51 12.24
CA LYS A 210 -10.35 -17.35 11.88
C LYS A 210 -10.34 -16.27 12.95
N LYS A 211 -11.49 -15.82 13.40
CA LYS A 211 -11.50 -14.78 14.46
C LYS A 211 -10.78 -15.35 15.69
N SER A 212 -10.89 -16.63 15.92
CA SER A 212 -10.26 -17.26 17.09
C SER A 212 -8.78 -17.51 16.95
N VAL A 213 -8.37 -17.81 15.74
CA VAL A 213 -6.95 -18.03 15.44
C VAL A 213 -6.24 -16.66 15.37
N MET A 214 -7.02 -15.59 15.32
CA MET A 214 -6.44 -14.25 15.23
C MET A 214 -6.25 -13.63 16.61
N ILE A 215 -7.33 -13.49 17.35
CA ILE A 215 -7.17 -12.91 18.69
C ILE A 215 -6.40 -13.83 19.61
N ASP A 216 -6.14 -15.07 19.26
CA ASP A 216 -5.38 -15.96 20.15
C ASP A 216 -3.94 -15.43 20.24
N LEU A 217 -3.37 -15.45 19.06
CA LEU A 217 -2.03 -15.06 18.66
C LEU A 217 -1.68 -13.62 19.02
N ASN A 218 -2.72 -12.81 19.08
CA ASN A 218 -2.64 -11.39 19.44
C ASN A 218 -2.19 -11.39 20.91
N ASN A 219 -3.03 -12.09 21.64
CA ASN A 219 -2.94 -12.33 23.09
C ASN A 219 -1.68 -13.12 23.44
N GLN A 220 -1.03 -13.57 22.39
CA GLN A 220 0.20 -14.33 22.46
C GLN A 220 1.36 -13.34 22.31
N VAL A 221 1.42 -12.67 21.17
CA VAL A 221 2.51 -11.69 20.95
C VAL A 221 2.44 -10.61 22.02
N ILE A 222 1.29 -9.98 22.13
CA ILE A 222 1.07 -8.93 23.12
C ILE A 222 1.72 -9.34 24.44
N LYS A 223 1.81 -10.62 24.69
CA LYS A 223 2.40 -11.20 25.90
C LYS A 223 3.90 -11.40 25.78
N PHE A 224 4.30 -12.23 24.84
CA PHE A 224 5.70 -12.55 24.51
C PHE A 224 6.52 -11.25 24.59
N ARG A 225 5.93 -10.19 24.05
CA ARG A 225 6.60 -8.87 24.09
C ARG A 225 6.63 -8.61 25.62
N GLN A 226 5.53 -8.06 26.09
CA GLN A 226 5.34 -7.72 27.50
C GLN A 226 6.27 -8.54 28.40
N ASP A 227 5.97 -9.81 28.43
CA ASP A 227 6.67 -10.83 29.24
C ASP A 227 8.18 -10.55 29.29
N ASN A 228 8.77 -10.58 28.10
CA ASN A 228 10.22 -10.36 27.98
C ASN A 228 10.52 -9.33 26.88
N ASN A 229 11.23 -8.33 27.32
CA ASN A 229 11.77 -7.16 26.69
C ASN A 229 11.49 -6.88 25.21
N LEU A 230 10.44 -6.11 24.99
CA LEU A 230 10.04 -5.65 23.64
C LEU A 230 9.44 -4.25 23.83
N ILE A 231 8.15 -4.14 23.97
CA ILE A 231 7.48 -2.83 24.19
C ILE A 231 6.39 -2.97 25.26
N MET B 1 -11.99 21.07 16.89
CA MET B 1 -11.29 21.05 15.60
C MET B 1 -10.69 19.64 15.41
N ASN B 2 -11.43 18.82 14.67
CA ASN B 2 -11.01 17.43 14.38
C ASN B 2 -9.62 17.53 13.73
N LYS B 3 -8.75 16.67 14.19
CA LYS B 3 -7.35 16.57 13.77
C LYS B 3 -7.15 15.91 12.42
N TRP B 4 -6.97 16.72 11.40
CA TRP B 4 -6.73 16.37 10.00
C TRP B 4 -5.42 15.57 9.89
N ASN B 5 -5.40 14.61 8.96
CA ASN B 5 -4.18 13.78 8.82
C ASN B 5 -3.50 13.94 7.46
N TYR B 6 -2.18 13.68 7.45
CA TYR B 6 -1.31 13.76 6.30
C TYR B 6 -0.42 12.55 6.03
N GLY B 7 -0.34 12.17 4.77
CA GLY B 7 0.51 11.07 4.29
C GLY B 7 1.40 11.69 3.20
N VAL B 8 1.99 10.92 2.34
CA VAL B 8 2.84 11.39 1.24
C VAL B 8 2.72 10.36 0.10
N PHE B 9 2.50 10.76 -1.11
CA PHE B 9 2.39 9.69 -2.15
C PHE B 9 3.57 9.87 -3.09
N PHE B 10 3.68 9.02 -4.07
CA PHE B 10 4.75 9.05 -5.07
C PHE B 10 4.06 8.56 -6.36
N VAL B 11 4.44 9.08 -7.50
CA VAL B 11 3.79 8.55 -8.74
C VAL B 11 4.77 7.45 -9.13
N ASN B 12 4.53 6.66 -10.12
CA ASN B 12 5.49 5.58 -10.48
C ASN B 12 5.47 5.44 -12.00
N PHE B 13 6.59 5.79 -12.59
CA PHE B 13 6.80 5.73 -14.06
C PHE B 13 8.30 5.81 -14.29
N TYR B 14 8.74 5.45 -15.49
CA TYR B 14 10.14 5.46 -15.86
C TYR B 14 10.55 6.47 -16.94
N ASN B 15 11.85 6.74 -16.86
CA ASN B 15 12.55 7.68 -17.77
C ASN B 15 11.62 8.90 -17.84
N LYS B 16 11.44 9.40 -16.62
CA LYS B 16 10.58 10.61 -16.44
C LYS B 16 11.01 11.49 -17.62
N GLY B 17 12.27 11.87 -17.56
CA GLY B 17 12.90 12.69 -18.60
C GLY B 17 13.79 13.74 -17.94
N GLN B 18 13.14 14.87 -17.72
CA GLN B 18 13.81 16.02 -17.09
C GLN B 18 14.62 15.45 -15.93
N GLN B 19 13.97 14.58 -15.15
CA GLN B 19 14.72 13.92 -14.05
C GLN B 19 15.23 12.62 -14.69
N GLU B 20 16.55 12.56 -14.77
CA GLU B 20 17.22 11.38 -15.36
C GLU B 20 16.85 10.17 -14.51
N PRO B 21 17.09 8.98 -15.01
CA PRO B 21 16.74 7.72 -14.37
C PRO B 21 16.81 7.60 -12.86
N SER B 22 18.00 7.56 -12.31
CA SER B 22 18.22 7.40 -10.87
C SER B 22 18.31 8.73 -10.15
N LYS B 23 17.74 9.75 -10.79
CA LYS B 23 17.71 11.11 -10.20
C LYS B 23 16.56 11.04 -9.18
N THR B 24 15.39 10.83 -9.79
CA THR B 24 14.10 10.68 -9.14
C THR B 24 14.14 9.75 -7.93
N MET B 25 14.59 8.53 -8.22
CA MET B 25 14.68 7.49 -7.18
C MET B 25 15.56 7.97 -6.02
N ASN B 26 16.55 8.79 -6.35
CA ASN B 26 17.48 9.30 -5.31
C ASN B 26 16.87 10.45 -4.53
N ASN B 27 15.89 11.09 -5.13
CA ASN B 27 15.16 12.20 -4.45
C ASN B 27 14.11 11.52 -3.55
N ALA B 28 13.44 10.56 -4.18
CA ALA B 28 12.40 9.74 -3.59
C ALA B 28 12.90 9.29 -2.21
N LEU B 29 14.09 8.72 -2.25
CA LEU B 29 14.71 8.25 -1.01
C LEU B 29 14.92 9.40 -0.03
N GLU B 30 15.11 10.61 -0.56
CA GLU B 30 15.33 11.75 0.35
C GLU B 30 14.03 12.20 0.99
N THR B 31 12.94 11.97 0.27
CA THR B 31 11.63 12.36 0.85
C THR B 31 11.54 11.47 2.10
N LEU B 32 11.62 10.20 1.75
CA LEU B 32 11.52 9.11 2.71
C LEU B 32 12.29 9.37 3.97
N ARG B 33 13.53 9.84 3.88
CA ARG B 33 14.30 10.06 5.14
C ARG B 33 13.68 11.24 5.89
N ILE B 34 13.14 12.17 5.12
CA ILE B 34 12.55 13.34 5.80
C ILE B 34 11.52 12.86 6.82
N ILE B 35 10.70 11.92 6.41
CA ILE B 35 9.63 11.30 7.17
C ILE B 35 10.13 10.57 8.41
N ASP B 36 10.93 9.56 8.16
CA ASP B 36 11.51 8.71 9.20
C ASP B 36 12.38 9.55 10.13
N GLU B 37 13.33 10.22 9.50
CA GLU B 37 14.31 11.01 10.21
C GLU B 37 13.93 12.29 10.88
N ASP B 38 13.39 13.30 10.23
CA ASP B 38 13.12 14.56 10.96
C ASP B 38 11.68 14.96 11.21
N THR B 39 10.70 14.29 10.65
CA THR B 39 9.30 14.68 10.86
C THR B 39 8.59 13.75 11.83
N SER B 40 7.30 13.96 11.97
CA SER B 40 6.45 13.20 12.90
C SER B 40 4.96 13.30 12.51
N ILE B 41 4.70 14.09 11.52
CA ILE B 41 3.32 14.29 11.04
C ILE B 41 3.07 13.47 9.80
N TYR B 42 4.05 12.77 9.27
CA TYR B 42 3.73 11.97 8.04
C TYR B 42 3.58 10.54 8.54
N ASP B 43 2.30 10.17 8.62
CA ASP B 43 1.88 8.86 9.10
C ASP B 43 1.95 7.79 8.04
N VAL B 44 1.63 8.04 6.80
CA VAL B 44 1.69 6.93 5.82
C VAL B 44 2.25 7.41 4.50
N ILE B 45 2.49 6.49 3.60
CA ILE B 45 3.02 6.81 2.26
C ILE B 45 2.14 6.14 1.21
N ASN B 46 2.44 6.27 -0.05
CA ASN B 46 1.62 5.66 -1.11
C ASN B 46 2.34 5.70 -2.44
N ILE B 47 2.09 4.74 -3.31
CA ILE B 47 2.75 4.71 -4.61
C ILE B 47 1.72 4.56 -5.72
N ASP B 48 1.05 5.65 -5.95
CA ASP B 48 0.02 5.72 -7.03
C ASP B 48 0.65 5.14 -8.28
N ASP B 49 -0.17 4.50 -9.10
CA ASP B 49 0.33 3.89 -10.37
C ASP B 49 -0.86 3.50 -11.25
N HIS B 50 -1.90 4.30 -11.09
CA HIS B 50 -3.19 4.26 -11.73
C HIS B 50 -3.22 3.86 -13.19
N TYR B 51 -2.56 4.59 -14.05
CA TYR B 51 -2.55 4.37 -15.50
C TYR B 51 -2.55 2.95 -16.03
N LEU B 52 -2.80 1.95 -15.23
CA LEU B 52 -2.84 0.55 -15.62
C LEU B 52 -4.24 0.05 -15.96
N VAL B 53 -4.23 -1.06 -16.67
CA VAL B 53 -5.42 -1.81 -17.12
C VAL B 53 -5.33 -3.16 -16.39
N LYS B 54 -5.76 -3.04 -15.14
CA LYS B 54 -5.81 -4.13 -14.16
C LYS B 54 -7.01 -5.02 -14.55
N LYS B 55 -6.70 -5.68 -15.65
CA LYS B 55 -7.59 -6.61 -16.36
C LYS B 55 -7.09 -8.01 -16.07
N ASP B 56 -7.53 -8.96 -16.87
CA ASP B 56 -7.12 -10.37 -16.74
C ASP B 56 -7.76 -11.14 -17.90
N SER B 57 -7.32 -12.38 -18.05
CA SER B 57 -7.79 -13.28 -19.10
C SER B 57 -9.27 -13.02 -19.38
N GLU B 58 -10.01 -12.96 -18.28
CA GLU B 58 -11.45 -12.74 -18.29
C GLU B 58 -11.88 -11.29 -18.46
N ASP B 59 -10.94 -10.40 -18.62
CA ASP B 59 -11.08 -8.96 -18.84
C ASP B 59 -11.87 -8.24 -17.76
N LYS B 60 -11.94 -8.81 -16.59
CA LYS B 60 -12.70 -8.17 -15.49
C LYS B 60 -11.74 -7.21 -14.78
N LYS B 61 -12.13 -5.94 -14.76
CA LYS B 61 -11.32 -4.90 -14.11
C LYS B 61 -11.30 -5.24 -12.62
N LEU B 62 -10.12 -5.18 -12.03
CA LEU B 62 -9.89 -5.49 -10.63
C LEU B 62 -10.34 -4.36 -9.69
N ALA B 63 -10.86 -4.79 -8.56
CA ALA B 63 -11.32 -3.88 -7.48
C ALA B 63 -10.12 -3.02 -7.07
N PRO B 64 -10.19 -1.76 -7.46
CA PRO B 64 -9.14 -0.77 -7.22
C PRO B 64 -8.94 -0.32 -5.80
N PHE B 65 -8.62 -1.20 -4.89
CA PHE B 65 -8.41 -0.77 -3.49
C PHE B 65 -7.13 0.05 -3.38
N ILE B 66 -6.95 0.57 -2.21
CA ILE B 66 -5.82 1.40 -1.80
C ILE B 66 -5.77 1.17 -0.28
N THR B 67 -4.58 0.93 0.22
CA THR B 67 -4.38 0.68 1.64
C THR B 67 -3.44 1.69 2.25
N LEU B 68 -3.79 2.18 3.40
CA LEU B 68 -3.03 3.19 4.14
C LEU B 68 -2.97 2.72 5.59
N GLY B 69 -2.00 1.84 5.79
CA GLY B 69 -1.79 1.26 7.14
C GLY B 69 -2.87 0.19 7.31
N GLU B 70 -3.32 0.05 8.52
CA GLU B 70 -4.34 -0.91 8.90
C GLU B 70 -5.70 -0.62 8.27
N LYS B 71 -5.84 0.49 7.58
CA LYS B 71 -7.10 0.90 6.95
C LYS B 71 -7.21 0.69 5.46
N LEU B 72 -8.39 0.34 4.99
CA LEU B 72 -8.66 0.09 3.55
C LEU B 72 -9.37 1.32 2.97
N TYR B 73 -9.21 1.54 1.68
CA TYR B 73 -9.77 2.62 0.88
C TYR B 73 -10.09 2.12 -0.53
N VAL B 74 -10.97 2.86 -1.18
CA VAL B 74 -11.39 2.57 -2.57
C VAL B 74 -11.21 3.82 -3.43
N LEU B 75 -10.28 3.79 -4.36
CA LEU B 75 -9.97 4.89 -5.28
C LEU B 75 -11.20 5.25 -6.11
N ALA B 76 -11.47 6.55 -6.23
CA ALA B 76 -12.64 6.99 -7.01
C ALA B 76 -12.51 6.77 -8.51
N THR B 77 -11.76 5.77 -8.92
CA THR B 77 -11.51 5.38 -10.30
C THR B 77 -12.67 5.78 -11.20
N SER B 78 -13.88 5.58 -10.75
CA SER B 78 -15.07 5.92 -11.54
C SER B 78 -16.31 6.19 -10.70
N GLU B 79 -17.44 6.16 -11.39
CA GLU B 79 -18.76 6.41 -10.81
C GLU B 79 -19.37 5.15 -10.23
N ASN B 80 -19.09 3.99 -10.81
CA ASN B 80 -19.61 2.70 -10.29
C ASN B 80 -18.84 2.44 -8.98
N THR B 81 -17.55 2.22 -9.21
CA THR B 81 -16.63 1.96 -8.11
C THR B 81 -17.00 2.74 -6.85
N VAL B 82 -17.11 4.04 -7.03
CA VAL B 82 -17.44 4.89 -5.86
C VAL B 82 -18.74 4.34 -5.30
N ASP B 83 -19.66 4.15 -6.24
CA ASP B 83 -20.97 3.64 -5.78
C ASP B 83 -20.74 2.31 -5.05
N ILE B 84 -20.04 1.36 -5.64
CA ILE B 84 -19.79 0.10 -4.93
C ILE B 84 -19.23 0.40 -3.54
N ALA B 85 -18.27 1.29 -3.45
CA ALA B 85 -17.63 1.64 -2.18
C ALA B 85 -18.63 2.17 -1.16
N ALA B 86 -19.71 2.70 -1.69
CA ALA B 86 -20.78 3.28 -0.86
C ALA B 86 -21.39 2.26 0.08
N LYS B 87 -21.52 1.05 -0.41
CA LYS B 87 -22.10 -0.07 0.34
C LYS B 87 -21.46 -0.37 1.70
N TYR B 88 -20.25 -0.88 1.58
CA TYR B 88 -19.38 -1.27 2.69
C TYR B 88 -19.00 -0.08 3.56
N ALA B 89 -19.40 1.08 3.06
CA ALA B 89 -19.20 2.40 3.64
C ALA B 89 -17.72 2.63 3.96
N LEU B 90 -16.94 2.25 2.97
CA LEU B 90 -15.48 2.34 2.92
C LEU B 90 -15.17 3.77 2.45
N PRO B 91 -14.04 4.29 2.85
CA PRO B 91 -13.61 5.64 2.45
C PRO B 91 -13.04 5.54 1.04
N LEU B 92 -12.94 6.68 0.41
CA LEU B 92 -12.44 6.90 -0.93
C LEU B 92 -11.14 7.72 -0.94
N VAL B 93 -10.32 7.49 -1.94
CA VAL B 93 -9.09 8.27 -2.11
C VAL B 93 -9.27 9.03 -3.44
N PHE B 94 -9.48 10.33 -3.24
CA PHE B 94 -9.65 11.23 -4.42
C PHE B 94 -8.23 11.41 -4.95
N LYS B 95 -8.11 11.27 -6.26
CA LYS B 95 -6.82 11.32 -6.95
C LYS B 95 -6.33 12.64 -7.49
N TRP B 96 -5.05 12.87 -7.28
CA TRP B 96 -4.30 14.03 -7.70
C TRP B 96 -4.60 14.50 -9.13
N ASP B 97 -4.93 13.60 -10.03
CA ASP B 97 -5.15 13.97 -11.43
C ASP B 97 -6.53 14.35 -11.88
N ASP B 98 -7.61 13.90 -11.28
CA ASP B 98 -8.98 14.27 -11.73
C ASP B 98 -9.05 15.78 -11.37
N ILE B 99 -9.76 16.46 -12.24
CA ILE B 99 -10.01 17.91 -12.08
C ILE B 99 -10.90 18.08 -10.85
N ASN B 100 -10.61 19.07 -10.03
CA ASN B 100 -11.40 19.29 -8.81
C ASN B 100 -12.88 19.20 -9.16
N GLU B 101 -13.27 19.42 -10.39
CA GLU B 101 -14.71 19.34 -10.74
C GLU B 101 -15.22 17.92 -10.66
N GLU B 102 -14.36 16.95 -10.90
CA GLU B 102 -14.68 15.52 -10.86
C GLU B 102 -14.32 14.86 -9.54
N ARG B 103 -13.59 15.54 -8.70
CA ARG B 103 -13.20 15.03 -7.37
C ARG B 103 -14.30 15.55 -6.41
N LEU B 104 -15.34 16.01 -7.05
CA LEU B 104 -16.49 16.60 -6.33
C LEU B 104 -17.76 15.98 -6.87
N LYS B 105 -17.93 16.00 -8.19
CA LYS B 105 -19.15 15.37 -8.75
C LYS B 105 -19.25 13.94 -8.24
N LEU B 106 -18.10 13.32 -8.06
CA LEU B 106 -17.86 11.98 -7.56
C LEU B 106 -18.18 11.82 -6.08
N LEU B 107 -17.69 12.74 -5.26
CA LEU B 107 -17.97 12.69 -3.82
C LEU B 107 -19.49 12.78 -3.65
N SER B 108 -20.06 13.60 -4.56
CA SER B 108 -21.52 13.81 -4.50
C SER B 108 -22.19 12.45 -4.68
N PHE B 109 -21.78 11.76 -5.72
CA PHE B 109 -22.34 10.43 -6.03
C PHE B 109 -22.22 9.45 -4.86
N TYR B 110 -21.10 9.45 -4.17
CA TYR B 110 -20.91 8.55 -3.01
C TYR B 110 -22.12 8.74 -2.10
N ASN B 111 -22.18 9.86 -1.40
CA ASN B 111 -23.25 10.20 -0.47
C ASN B 111 -24.65 9.89 -0.95
N ALA B 112 -24.86 9.82 -2.25
CA ALA B 112 -26.21 9.51 -2.77
C ALA B 112 -26.41 8.01 -2.48
N SER B 113 -25.47 7.28 -3.05
CA SER B 113 -25.39 5.81 -2.90
C SER B 113 -25.44 5.46 -1.42
N ALA B 114 -24.47 5.89 -0.64
CA ALA B 114 -24.42 5.60 0.79
C ALA B 114 -25.79 5.77 1.42
N SER B 115 -26.36 6.95 1.57
CA SER B 115 -27.71 7.04 2.19
C SER B 115 -28.75 6.54 1.16
N LYS B 116 -28.59 5.27 0.87
CA LYS B 116 -29.43 4.53 -0.07
C LYS B 116 -29.00 3.06 0.06
N TYR B 117 -28.49 2.78 1.24
CA TYR B 117 -28.01 1.46 1.65
C TYR B 117 -28.03 1.42 3.19
N ASN B 118 -28.45 2.52 3.73
CA ASN B 118 -28.62 2.85 5.14
C ASN B 118 -27.33 2.97 5.94
N LYS B 119 -26.23 2.88 5.23
CA LYS B 119 -24.87 2.97 5.76
C LYS B 119 -24.52 4.38 6.24
N ASN B 120 -24.52 4.55 7.54
CA ASN B 120 -24.19 5.84 8.17
C ASN B 120 -22.79 6.26 7.67
N ILE B 121 -22.67 7.53 7.30
CA ILE B 121 -21.43 8.06 6.72
C ILE B 121 -20.74 9.14 7.49
N ASP B 122 -21.38 9.69 8.50
CA ASP B 122 -20.86 10.77 9.34
C ASP B 122 -19.35 10.75 9.46
N LEU B 123 -18.85 9.93 10.37
CA LEU B 123 -17.44 9.77 10.69
C LEU B 123 -16.58 9.00 9.69
N VAL B 124 -16.56 9.41 8.43
CA VAL B 124 -15.79 8.72 7.40
C VAL B 124 -14.84 9.62 6.64
N ARG B 125 -13.64 9.70 7.14
CA ARG B 125 -12.54 10.48 6.57
C ARG B 125 -12.13 9.91 5.21
N HIS B 126 -12.30 10.73 4.18
CA HIS B 126 -11.95 10.35 2.80
C HIS B 126 -10.48 10.67 2.67
N GLN B 127 -9.97 10.80 1.47
CA GLN B 127 -8.51 11.10 1.37
C GLN B 127 -8.20 11.72 0.01
N LEU B 128 -7.70 12.93 0.10
CA LEU B 128 -7.31 13.83 -1.00
C LEU B 128 -5.83 13.71 -1.34
N MET B 129 -5.59 13.53 -2.62
CA MET B 129 -4.23 13.38 -3.19
C MET B 129 -3.80 14.63 -3.97
N LEU B 130 -2.80 15.38 -3.53
CA LEU B 130 -2.41 16.58 -4.31
C LEU B 130 -0.88 16.70 -4.41
N HIS B 131 -0.49 17.08 -5.61
CA HIS B 131 0.94 17.32 -5.95
C HIS B 131 1.32 18.65 -5.31
N VAL B 132 2.50 18.96 -4.85
CA VAL B 132 2.72 20.30 -4.25
C VAL B 132 3.98 20.94 -4.81
N ASN B 133 3.97 22.25 -4.91
CA ASN B 133 5.12 23.05 -5.40
C ASN B 133 5.13 24.33 -4.56
N VAL B 134 6.24 24.55 -3.87
CA VAL B 134 6.36 25.73 -3.00
C VAL B 134 7.67 26.49 -3.21
N ASN B 135 7.48 27.79 -3.42
CA ASN B 135 8.53 28.77 -3.60
C ASN B 135 7.96 30.16 -3.89
N GLU B 136 8.20 31.01 -2.93
CA GLU B 136 7.84 32.42 -2.82
C GLU B 136 7.45 33.04 -4.17
N ALA B 137 8.24 32.67 -5.15
CA ALA B 137 8.09 33.09 -6.55
C ALA B 137 7.07 32.18 -7.23
N GLU B 138 5.88 32.23 -6.71
CA GLU B 138 4.69 31.50 -7.07
C GLU B 138 4.44 31.24 -8.54
N THR B 139 5.33 31.68 -9.39
CA THR B 139 5.22 31.46 -10.84
C THR B 139 6.13 30.30 -11.27
N VAL B 140 7.20 30.09 -10.50
CA VAL B 140 8.16 29.02 -10.77
C VAL B 140 7.45 27.65 -10.81
N ALA B 141 6.99 27.26 -9.64
CA ALA B 141 6.27 26.05 -9.34
C ALA B 141 5.45 25.53 -10.53
N LYS B 142 4.55 26.40 -10.97
CA LYS B 142 3.66 26.10 -12.09
C LYS B 142 4.43 25.56 -13.30
N GLU B 143 5.68 26.00 -13.44
CA GLU B 143 6.57 25.63 -14.54
C GLU B 143 7.21 24.26 -14.34
N GLU B 144 7.68 24.02 -13.12
CA GLU B 144 8.35 22.79 -12.70
C GLU B 144 7.35 21.69 -12.34
N LEU B 145 6.09 22.08 -12.20
CA LEU B 145 4.98 21.18 -11.91
C LEU B 145 4.29 20.85 -13.25
N LYS B 146 4.27 21.88 -14.09
CA LYS B 146 3.66 21.72 -15.41
C LYS B 146 4.55 20.68 -16.11
N LEU B 147 5.82 20.81 -15.76
CA LEU B 147 6.85 19.93 -16.33
C LEU B 147 6.53 18.47 -16.01
N TYR B 148 6.66 18.12 -14.75
CA TYR B 148 6.39 16.77 -14.23
C TYR B 148 5.22 16.13 -15.00
N ILE B 149 4.03 16.71 -14.84
CA ILE B 149 2.83 16.24 -15.54
C ILE B 149 3.10 16.17 -17.04
N GLU B 150 3.64 17.26 -17.58
CA GLU B 150 3.95 17.33 -19.02
C GLU B 150 4.90 16.18 -19.34
N ASN B 151 5.59 15.77 -18.30
CA ASN B 151 6.58 14.68 -18.43
C ASN B 151 5.89 13.34 -18.25
N TYR B 152 4.71 13.36 -17.67
CA TYR B 152 3.90 12.14 -17.43
C TYR B 152 2.76 11.98 -18.41
N VAL B 153 1.89 12.94 -18.51
CA VAL B 153 0.70 13.17 -19.28
C VAL B 153 0.31 12.15 -20.35
N ALA B 154 1.18 12.03 -21.30
CA ALA B 154 1.14 11.17 -22.48
C ALA B 154 0.21 9.96 -22.36
N CYS B 155 0.53 9.10 -21.41
CA CYS B 155 -0.19 7.87 -21.14
C CYS B 155 -1.66 8.06 -20.80
N THR B 156 -2.00 8.51 -19.62
CA THR B 156 -3.34 8.72 -19.10
C THR B 156 -4.46 9.11 -20.04
N GLN B 157 -4.23 9.97 -21.02
CA GLN B 157 -5.24 10.44 -21.96
C GLN B 157 -6.17 11.45 -21.24
N PRO B 158 -5.57 12.55 -20.84
CA PRO B 158 -6.28 13.61 -20.12
C PRO B 158 -7.09 14.51 -21.04
N SER B 159 -8.35 14.67 -20.66
CA SER B 159 -9.26 15.52 -21.45
C SER B 159 -8.81 16.98 -21.33
N ASN B 160 -7.55 17.27 -21.71
CA ASN B 160 -7.06 18.65 -21.62
C ASN B 160 -5.69 18.93 -22.20
N PHE B 161 -4.69 18.07 -22.20
CA PHE B 161 -3.39 18.46 -22.80
C PHE B 161 -3.51 18.58 -24.33
N ASN B 162 -4.71 18.84 -24.78
CA ASN B 162 -5.01 19.02 -26.21
C ASN B 162 -5.81 20.33 -26.28
N GLY B 163 -5.71 20.96 -25.14
CA GLY B 163 -6.24 22.26 -24.72
C GLY B 163 -5.02 22.81 -23.93
N SER B 164 -4.86 22.28 -22.74
CA SER B 164 -3.80 22.56 -21.78
C SER B 164 -4.06 21.82 -20.47
N ILE B 165 -3.00 21.57 -19.72
CA ILE B 165 -3.06 20.88 -18.42
C ILE B 165 -2.95 21.92 -17.30
N ASP B 166 -3.87 22.87 -17.41
CA ASP B 166 -3.97 24.00 -16.48
C ASP B 166 -5.05 23.73 -15.43
N SER B 167 -5.95 22.80 -15.73
CA SER B 167 -7.01 22.44 -14.77
C SER B 167 -6.38 21.58 -13.67
N ILE B 168 -5.63 20.59 -14.14
CA ILE B 168 -4.92 19.66 -13.27
C ILE B 168 -4.03 20.46 -12.32
N ILE B 169 -3.20 21.32 -12.91
CA ILE B 169 -2.31 22.14 -12.07
C ILE B 169 -3.14 23.01 -11.13
N GLN B 170 -4.24 23.50 -11.66
CA GLN B 170 -5.18 24.33 -10.93
C GLN B 170 -5.73 23.59 -9.70
N SER B 171 -5.95 22.32 -9.97
CA SER B 171 -6.49 21.41 -8.95
C SER B 171 -5.47 21.07 -7.87
N ASN B 172 -4.21 20.98 -8.25
CA ASN B 172 -3.11 20.64 -7.32
C ASN B 172 -2.62 21.85 -6.57
N VAL B 173 -1.51 21.80 -5.88
CA VAL B 173 -0.96 22.88 -5.08
C VAL B 173 0.41 23.41 -5.50
N THR B 174 0.35 24.49 -6.24
CA THR B 174 1.41 25.32 -6.82
C THR B 174 1.36 26.71 -6.16
N GLY B 175 2.42 27.48 -6.26
CA GLY B 175 2.41 28.82 -5.68
C GLY B 175 3.52 29.08 -4.68
N SER B 176 3.12 29.54 -3.52
CA SER B 176 4.06 29.86 -2.43
C SER B 176 3.52 29.39 -1.08
N TYR B 177 4.38 28.77 -0.30
CA TYR B 177 4.03 28.24 1.03
C TYR B 177 2.79 28.91 1.61
N LYS B 178 3.02 29.98 2.33
CA LYS B 178 2.00 30.80 3.00
C LYS B 178 0.66 30.76 2.28
N ASP B 179 0.75 30.82 0.95
CA ASP B 179 -0.43 30.77 0.08
C ASP B 179 -0.91 29.32 0.02
N CYS B 180 -0.17 28.49 -0.67
CA CYS B 180 -0.47 27.06 -0.82
C CYS B 180 -1.32 26.58 0.36
N LEU B 181 -0.72 26.64 1.52
CA LEU B 181 -1.32 26.28 2.80
C LEU B 181 -2.82 26.62 2.79
N SER B 182 -3.06 27.89 3.03
CA SER B 182 -4.37 28.52 3.06
C SER B 182 -5.32 27.99 1.99
N TYR B 183 -4.76 27.63 0.85
CA TYR B 183 -5.54 27.11 -0.28
C TYR B 183 -6.00 25.67 -0.12
N VAL B 184 -5.17 24.75 0.37
CA VAL B 184 -5.69 23.37 0.53
C VAL B 184 -6.77 23.45 1.63
N ALA B 185 -6.45 24.25 2.63
CA ALA B 185 -7.38 24.49 3.76
C ALA B 185 -8.69 24.94 3.11
N ASN B 186 -8.49 25.73 2.07
CA ASN B 186 -9.64 26.24 1.32
C ASN B 186 -10.25 25.06 0.56
N LEU B 187 -9.44 24.05 0.30
CA LEU B 187 -10.03 22.92 -0.48
C LEU B 187 -10.80 21.94 0.41
N ALA B 188 -10.39 21.77 1.64
CA ALA B 188 -11.02 20.89 2.62
C ALA B 188 -12.49 21.21 2.83
N GLY B 189 -12.83 22.48 2.70
CA GLY B 189 -14.18 22.99 2.88
C GLY B 189 -15.11 22.51 1.79
N LYS B 190 -14.57 22.19 0.63
CA LYS B 190 -15.43 21.74 -0.48
C LYS B 190 -15.92 20.31 -0.30
N PHE B 191 -15.49 19.69 0.78
CA PHE B 191 -15.86 18.30 1.15
C PHE B 191 -16.19 18.26 2.66
N ASP B 192 -17.13 19.07 3.09
CA ASP B 192 -17.60 19.24 4.46
C ASP B 192 -16.50 18.94 5.49
N ASN B 193 -15.36 19.52 5.24
CA ASN B 193 -14.16 19.42 6.07
C ASN B 193 -13.91 18.00 6.55
N THR B 194 -14.19 17.05 5.70
CA THR B 194 -14.02 15.62 6.01
C THR B 194 -13.41 14.97 4.76
N VAL B 195 -12.11 15.18 4.71
CA VAL B 195 -11.12 14.79 3.72
C VAL B 195 -9.73 14.98 4.38
N ASP B 196 -8.89 14.03 4.07
CA ASP B 196 -7.50 13.93 4.52
C ASP B 196 -6.61 14.02 3.27
N PHE B 197 -5.43 14.54 3.54
CA PHE B 197 -4.45 14.80 2.50
C PHE B 197 -3.27 13.85 2.42
N LEU B 198 -2.98 13.59 1.16
CA LEU B 198 -1.88 12.79 0.66
C LEU B 198 -1.18 13.81 -0.30
N LEU B 199 -0.10 14.37 0.23
CA LEU B 199 0.71 15.36 -0.47
C LEU B 199 1.96 14.83 -1.15
N CYS B 200 2.07 14.89 -2.47
CA CYS B 200 3.29 14.45 -3.18
C CYS B 200 4.20 15.63 -3.56
N PHE B 201 5.15 15.91 -2.68
CA PHE B 201 6.11 17.01 -2.94
C PHE B 201 7.16 16.43 -3.90
N GLU B 202 6.85 16.24 -5.17
CA GLU B 202 7.90 15.66 -6.04
C GLU B 202 8.00 16.39 -7.37
N SER B 203 7.42 17.56 -7.34
CA SER B 203 7.41 18.44 -8.53
C SER B 203 8.64 19.34 -8.33
N MET B 204 8.86 19.66 -7.08
CA MET B 204 9.98 20.51 -6.69
C MET B 204 11.30 19.74 -6.58
N GLN B 205 12.18 20.04 -7.53
CA GLN B 205 13.50 19.44 -7.63
C GLN B 205 14.50 19.95 -6.59
N ASP B 206 14.62 21.26 -6.44
CA ASP B 206 15.59 21.75 -5.43
C ASP B 206 15.29 20.98 -4.13
N GLN B 207 16.10 20.00 -3.82
CA GLN B 207 15.82 19.22 -2.60
C GLN B 207 15.88 19.98 -1.30
N ASN B 208 16.32 21.22 -1.29
CA ASN B 208 16.39 21.97 -0.02
C ASN B 208 15.04 22.57 0.34
N LYS B 209 14.34 22.98 -0.72
CA LYS B 209 12.99 23.52 -0.49
C LYS B 209 12.21 22.31 0.03
N LYS B 210 12.39 21.20 -0.66
CA LYS B 210 11.73 19.93 -0.29
C LYS B 210 11.80 19.77 1.23
N LYS B 211 12.96 19.38 1.72
CA LYS B 211 13.14 19.19 3.16
C LYS B 211 12.60 20.38 3.96
N SER B 212 12.61 21.57 3.40
CA SER B 212 12.10 22.74 4.15
C SER B 212 10.59 22.87 4.15
N VAL B 213 9.95 22.78 3.01
CA VAL B 213 8.48 22.84 2.90
C VAL B 213 7.94 21.82 3.93
N MET B 214 8.49 20.62 3.80
CA MET B 214 8.18 19.44 4.61
C MET B 214 8.28 19.70 6.12
N ILE B 215 9.50 19.89 6.58
CA ILE B 215 9.77 20.17 8.00
C ILE B 215 9.02 21.46 8.38
N ASP B 216 8.80 22.30 7.37
CA ASP B 216 8.08 23.55 7.61
C ASP B 216 6.66 23.11 8.01
N LEU B 217 6.01 22.37 7.13
CA LEU B 217 4.64 21.90 7.45
C LEU B 217 4.67 21.25 8.84
N ASN B 218 5.24 20.07 8.92
CA ASN B 218 5.39 19.28 10.13
C ASN B 218 5.20 20.10 11.39
N ASN B 219 6.29 20.70 11.81
CA ASN B 219 6.36 21.54 13.00
C ASN B 219 5.10 22.39 13.15
N GLN B 220 4.79 23.05 12.06
CA GLN B 220 3.64 23.97 12.01
C GLN B 220 2.35 23.27 12.38
N VAL B 221 2.21 22.03 11.89
CA VAL B 221 0.97 21.29 12.23
C VAL B 221 1.14 20.67 13.60
N ILE B 222 2.22 19.96 13.88
CA ILE B 222 2.33 19.36 15.22
C ILE B 222 2.30 20.44 16.30
N LYS B 223 2.53 21.67 15.89
CA LYS B 223 2.47 22.80 16.85
C LYS B 223 0.97 23.02 17.08
N PHE B 224 0.29 23.25 15.97
CA PHE B 224 -1.17 23.47 15.98
C PHE B 224 -1.84 22.47 16.95
N ARG B 225 -1.50 21.21 16.74
CA ARG B 225 -2.05 20.11 17.55
C ARG B 225 -1.70 20.33 19.01
N GLN B 226 -0.43 20.24 19.36
CA GLN B 226 0.04 20.41 20.74
C GLN B 226 -0.65 21.56 21.45
N ASP B 227 -1.20 22.48 20.66
CA ASP B 227 -1.92 23.69 21.05
C ASP B 227 -3.38 23.43 21.42
N ASN B 228 -4.21 23.27 20.40
CA ASN B 228 -5.65 23.00 20.62
C ASN B 228 -5.82 21.59 21.21
N ASN B 229 -4.75 20.98 21.63
CA ASN B 229 -4.76 19.63 22.24
C ASN B 229 -5.49 18.59 21.39
N LEU B 230 -4.67 17.68 20.90
CA LEU B 230 -5.02 16.55 20.06
C LEU B 230 -3.79 15.63 19.89
N ILE B 231 -2.85 15.70 20.83
CA ILE B 231 -1.64 14.87 20.76
C ILE B 231 -0.59 15.19 21.82
#